data_5QHG
#
_entry.id   5QHG
#
_cell.length_a   125.260
_cell.length_b   125.260
_cell.length_c   41.310
_cell.angle_alpha   90.000
_cell.angle_beta   90.000
_cell.angle_gamma   120.000
#
_symmetry.space_group_name_H-M   'P 3 2 1'
#
loop_
_entity.id
_entity.type
_entity.pdbx_description
1 polymer 'Peroxisomal coenzyme A diphosphatase NUDT7'
2 non-polymer 'ACETATE ION'
3 non-polymer 'DIMETHYL SULFOXIDE'
4 non-polymer 2-{3-[(2R)-1-acryloylpyrrolidin-2-yl]phenyl}-N-(3-chlorophenyl)acetamide
5 water water
#
_entity_poly.entity_id   1
_entity_poly.type   'polypeptide(L)'
_entity_poly.pdbx_seq_one_letter_code
;SMLDDAKARLRKYDIGGKYSHLPYNKYSVLLPLVAKEGKLHLLFTVRSEKLRRAPGEVCFPGGKRDPTDMDDAATALREA
QEEVGLR(HYP)HQVEVV(CSO)CLVPCLIDTDTLITPFVGLIDHNFQAQPNPAEVKDVFLVPLAYFLHPQVHDQHYVTR
LGHRFINHIFEYTNPEDGVTYQIKGMTANLAVLVAFIILEKKPT
;
_entity_poly.pdbx_strand_id   A
#
loop_
_chem_comp.id
_chem_comp.type
_chem_comp.name
_chem_comp.formula
ACT non-polymer 'ACETATE ION' 'C2 H3 O2 -1'
DMS non-polymer 'DIMETHYL SULFOXIDE' 'C2 H6 O S'
H17 non-polymer 2-{3-[(2R)-1-acryloylpyrrolidin-2-yl]phenyl}-N-(3-chlorophenyl)acetamide 'C21 H21 Cl N2 O2'
#
# COMPACT_ATOMS: atom_id res chain seq x y z
N SER A 1 -4.37 13.19 -18.51
CA SER A 1 -4.00 13.81 -17.21
C SER A 1 -3.05 12.86 -16.45
N MET A 2 -2.43 13.39 -15.40
CA MET A 2 -1.56 12.61 -14.50
C MET A 2 -2.30 11.39 -13.94
N LEU A 3 -3.58 11.55 -13.59
CA LEU A 3 -4.26 10.47 -12.89
C LEU A 3 -4.77 9.42 -13.87
N ASP A 4 -5.20 9.90 -15.02
CA ASP A 4 -5.65 9.05 -16.09
C ASP A 4 -4.50 8.24 -16.63
N ASP A 5 -3.30 8.84 -16.67
CA ASP A 5 -2.10 8.16 -17.13
C ASP A 5 -1.67 7.07 -16.09
N ALA A 6 -1.70 7.39 -14.80
CA ALA A 6 -1.44 6.41 -13.73
C ALA A 6 -2.34 5.19 -13.81
N LYS A 7 -3.65 5.40 -13.87
CA LYS A 7 -4.61 4.28 -13.95
C LYS A 7 -4.43 3.43 -15.24
N ALA A 8 -4.23 4.09 -16.37
CA ALA A 8 -3.99 3.34 -17.60
C ALA A 8 -2.72 2.43 -17.49
N ARG A 9 -1.65 2.94 -16.89
CA ARG A 9 -0.44 2.14 -16.66
C ARG A 9 -0.75 0.96 -15.74
N LEU A 10 -1.38 1.24 -14.61
CA LEU A 10 -1.73 0.23 -13.63
C LEU A 10 -2.61 -0.89 -14.17
N ARG A 11 -3.56 -0.54 -15.01
CA ARG A 11 -4.46 -1.55 -15.60
C ARG A 11 -3.74 -2.64 -16.41
N LYS A 12 -2.56 -2.33 -16.96
CA LYS A 12 -1.82 -3.27 -17.78
C LYS A 12 -1.19 -4.38 -16.95
N TYR A 13 -1.06 -4.18 -15.62
CA TYR A 13 -0.52 -5.12 -14.74
C TYR A 13 -1.57 -5.82 -13.86
N ASP A 14 -2.85 -5.57 -14.13
CA ASP A 14 -3.94 -6.11 -13.32
C ASP A 14 -3.98 -7.62 -13.60
N ILE A 15 -3.79 -8.42 -12.57
CA ILE A 15 -3.99 -9.87 -12.72
C ILE A 15 -5.46 -10.24 -12.52
N GLY A 16 -6.28 -9.31 -12.03
CA GLY A 16 -7.67 -9.57 -11.62
C GLY A 16 -7.86 -10.65 -10.54
N GLY A 17 -8.87 -11.51 -10.75
CA GLY A 17 -9.20 -12.59 -9.81
C GLY A 17 -8.59 -13.96 -10.10
N LYS A 18 -7.56 -13.97 -10.94
CA LYS A 18 -6.93 -15.20 -11.45
C LYS A 18 -6.54 -16.16 -10.30
N TYR A 19 -5.90 -15.62 -9.26
CA TYR A 19 -5.39 -16.35 -8.11
C TYR A 19 -6.27 -16.33 -6.83
N SER A 20 -7.44 -15.69 -6.93
CA SER A 20 -8.26 -15.46 -5.75
C SER A 20 -9.00 -16.66 -5.12
N HIS A 21 -9.32 -17.70 -5.88
N HIS A 21 -9.29 -17.71 -5.89
CA HIS A 21 -10.04 -18.83 -5.29
CA HIS A 21 -10.03 -18.84 -5.34
C HIS A 21 -9.15 -19.89 -4.67
C HIS A 21 -9.16 -19.96 -4.80
N LEU A 22 -7.84 -19.80 -4.84
CA LEU A 22 -6.91 -20.79 -4.34
C LEU A 22 -6.99 -20.98 -2.83
N PRO A 23 -6.80 -22.22 -2.34
CA PRO A 23 -7.19 -22.48 -0.91
C PRO A 23 -6.10 -22.06 0.09
N TYR A 24 -5.79 -20.76 0.16
CA TYR A 24 -4.80 -20.28 1.08
C TYR A 24 -5.43 -19.61 2.32
N ASN A 25 -4.65 -19.35 3.36
CA ASN A 25 -4.95 -18.32 4.34
C ASN A 25 -4.79 -16.94 3.62
N LYS A 26 -5.88 -16.21 3.47
CA LYS A 26 -5.92 -15.04 2.61
C LYS A 26 -5.83 -13.70 3.39
N TYR A 27 -4.94 -12.82 2.93
CA TYR A 27 -4.84 -11.42 3.39
C TYR A 27 -4.83 -10.54 2.17
N SER A 28 -5.33 -9.30 2.31
CA SER A 28 -5.28 -8.30 1.27
C SER A 28 -4.59 -7.01 1.84
N VAL A 29 -3.86 -6.28 0.97
CA VAL A 29 -3.29 -4.97 1.32
C VAL A 29 -3.71 -3.93 0.33
N LEU A 30 -3.87 -2.69 0.81
CA LEU A 30 -4.18 -1.56 -0.04
C LEU A 30 -2.92 -0.71 -0.21
N LEU A 31 -2.59 -0.41 -1.45
CA LEU A 31 -1.46 0.45 -1.79
C LEU A 31 -2.10 1.80 -2.18
N PRO A 32 -2.20 2.72 -1.21
CA PRO A 32 -3.04 3.92 -1.42
C PRO A 32 -2.25 5.06 -2.08
N LEU A 33 -2.68 5.46 -3.27
CA LEU A 33 -2.04 6.52 -4.04
C LEU A 33 -2.77 7.84 -3.79
N VAL A 34 -2.01 8.87 -3.46
CA VAL A 34 -2.52 10.20 -3.08
C VAL A 34 -1.80 11.23 -3.94
N ALA A 35 -2.55 12.13 -4.56
CA ALA A 35 -1.97 13.23 -5.36
C ALA A 35 -1.85 14.48 -4.51
N LYS A 36 -0.63 15.00 -4.32
CA LYS A 36 -0.37 16.26 -3.55
C LYS A 36 0.67 17.04 -4.33
N GLU A 37 0.42 18.33 -4.54
CA GLU A 37 1.39 19.23 -5.10
C GLU A 37 1.84 18.81 -6.43
N GLY A 38 0.91 18.36 -7.23
CA GLY A 38 1.17 17.99 -8.57
C GLY A 38 1.80 16.59 -8.73
N LYS A 39 2.05 15.84 -7.65
CA LYS A 39 2.80 14.55 -7.72
C LYS A 39 2.07 13.42 -6.99
N LEU A 40 2.34 12.18 -7.37
CA LEU A 40 1.78 11.01 -6.65
C LEU A 40 2.63 10.61 -5.46
N HIS A 41 1.92 10.22 -4.40
CA HIS A 41 2.51 9.76 -3.18
C HIS A 41 1.86 8.40 -2.79
N LEU A 42 2.60 7.58 -2.05
CA LEU A 42 2.02 6.41 -1.39
C LEU A 42 1.81 6.75 0.08
N LEU A 43 0.72 6.28 0.62
CA LEU A 43 0.40 6.35 2.03
C LEU A 43 0.75 5.07 2.74
N PHE A 44 1.51 5.21 3.84
CA PHE A 44 1.98 4.15 4.69
C PHE A 44 1.44 4.35 6.11
N THR A 45 1.37 3.25 6.88
CA THR A 45 1.05 3.27 8.31
C THR A 45 2.26 2.82 9.06
N VAL A 46 2.35 3.24 10.32
CA VAL A 46 3.22 2.63 11.27
C VAL A 46 2.34 1.84 12.20
N ARG A 47 2.63 0.54 12.32
CA ARG A 47 1.83 -0.35 13.16
C ARG A 47 2.02 0.00 14.64
N SER A 48 0.95 -0.11 15.41
CA SER A 48 1.02 0.19 16.82
C SER A 48 2.03 -0.71 17.52
N GLU A 49 2.71 -0.15 18.52
CA GLU A 49 3.60 -0.93 19.40
C GLU A 49 2.88 -2.05 20.18
N LYS A 50 1.55 -1.94 20.34
CA LYS A 50 0.69 -2.95 21.00
C LYS A 50 0.64 -4.27 20.23
N LEU A 51 0.73 -4.21 18.91
CA LEU A 51 0.39 -5.35 18.07
C LEU A 51 1.38 -6.51 18.25
N ARG A 52 0.87 -7.72 18.07
CA ARG A 52 1.63 -8.96 18.24
C ARG A 52 2.66 -9.10 17.11
N ARG A 53 2.17 -9.05 15.86
CA ARG A 53 3.01 -9.16 14.67
C ARG A 53 3.56 -7.80 14.25
N ALA A 54 4.87 -7.62 14.42
CA ALA A 54 5.63 -6.53 13.80
C ALA A 54 5.26 -5.15 14.34
N PRO A 55 5.32 -4.99 15.67
CA PRO A 55 4.98 -3.73 16.27
C PRO A 55 5.92 -2.64 15.80
N GLY A 56 5.38 -1.46 15.53
CA GLY A 56 6.24 -0.32 15.21
C GLY A 56 6.81 -0.26 13.81
N GLU A 57 6.41 -1.19 12.94
CA GLU A 57 6.93 -1.25 11.58
C GLU A 57 6.04 -0.55 10.56
N VAL A 58 6.71 -0.09 9.49
CA VAL A 58 6.04 0.53 8.37
C VAL A 58 5.35 -0.55 7.55
N CYS A 59 4.09 -0.30 7.20
CA CYS A 59 3.23 -1.28 6.58
C CYS A 59 2.18 -0.57 5.74
N PHE A 60 1.65 -1.23 4.73
CA PHE A 60 0.47 -0.78 4.04
C PHE A 60 -0.76 -1.23 4.84
N PRO A 61 -1.88 -0.49 4.70
CA PRO A 61 -3.11 -0.94 5.39
C PRO A 61 -3.58 -2.25 4.78
N GLY A 62 -4.24 -3.04 5.59
CA GLY A 62 -4.80 -4.33 5.13
C GLY A 62 -4.95 -5.31 6.27
N GLY A 63 -5.32 -6.54 5.93
CA GLY A 63 -5.36 -7.62 6.93
C GLY A 63 -6.06 -8.86 6.41
N LYS A 64 -6.49 -9.72 7.32
CA LYS A 64 -7.04 -11.07 6.99
C LYS A 64 -8.42 -11.05 6.45
N ARG A 65 -8.72 -11.78 5.40
CA ARG A 65 -10.06 -11.82 4.86
C ARG A 65 -10.99 -12.43 5.89
N ASP A 66 -12.26 -12.03 5.85
CA ASP A 66 -13.26 -12.60 6.77
C ASP A 66 -14.48 -12.95 6.04
N PRO A 67 -15.42 -13.69 6.72
CA PRO A 67 -16.51 -14.20 5.94
C PRO A 67 -17.41 -13.16 5.36
N THR A 68 -17.44 -11.93 5.90
CA THR A 68 -18.32 -10.89 5.28
C THR A 68 -17.84 -10.36 3.90
N ASP A 69 -16.53 -10.51 3.60
CA ASP A 69 -15.92 -9.84 2.43
C ASP A 69 -16.47 -10.48 1.18
N MET A 70 -17.07 -9.70 0.30
CA MET A 70 -17.50 -10.23 -1.02
C MET A 70 -16.33 -10.76 -1.88
N ASP A 71 -15.17 -10.14 -1.76
CA ASP A 71 -13.96 -10.53 -2.56
C ASP A 71 -12.74 -9.98 -1.86
N ASP A 72 -11.54 -10.22 -2.43
CA ASP A 72 -10.29 -9.79 -1.84
C ASP A 72 -10.16 -8.24 -1.75
N ALA A 73 -10.72 -7.56 -2.74
CA ALA A 73 -10.72 -6.05 -2.74
C ALA A 73 -11.45 -5.53 -1.50
N ALA A 74 -12.58 -6.18 -1.19
CA ALA A 74 -13.36 -5.84 -0.01
C ALA A 74 -12.60 -5.96 1.27
N THR A 75 -11.81 -7.03 1.42
CA THR A 75 -10.91 -7.14 2.58
C THR A 75 -10.00 -5.92 2.76
N ALA A 76 -9.36 -5.52 1.64
CA ALA A 76 -8.45 -4.39 1.70
C ALA A 76 -9.21 -3.08 2.17
N LEU A 77 -10.36 -2.83 1.59
CA LEU A 77 -11.14 -1.63 1.91
C LEU A 77 -11.68 -1.67 3.35
N ARG A 78 -12.17 -2.82 3.82
CA ARG A 78 -12.64 -2.96 5.23
C ARG A 78 -11.58 -2.65 6.22
N GLU A 79 -10.41 -3.22 5.98
CA GLU A 79 -9.30 -3.02 6.86
C GLU A 79 -8.75 -1.62 6.80
N ALA A 80 -8.66 -1.02 5.60
CA ALA A 80 -8.20 0.38 5.52
C ALA A 80 -9.17 1.33 6.31
N GLN A 81 -10.47 1.08 6.20
CA GLN A 81 -11.47 1.89 6.97
C GLN A 81 -11.25 1.82 8.49
N GLU A 82 -11.08 0.61 8.98
CA GLU A 82 -10.80 0.34 10.39
C GLU A 82 -9.52 0.95 10.88
N GLU A 83 -8.48 0.97 10.04
CA GLU A 83 -7.18 1.39 10.50
C GLU A 83 -6.98 2.89 10.38
N VAL A 84 -7.41 3.48 9.29
CA VAL A 84 -7.15 4.91 9.05
C VAL A 84 -8.36 5.76 8.68
N GLY A 85 -9.54 5.18 8.74
CA GLY A 85 -10.78 5.90 8.52
C GLY A 85 -11.15 6.13 7.09
N LEU A 86 -10.48 5.43 6.16
CA LEU A 86 -10.75 5.61 4.75
C LEU A 86 -12.05 4.98 4.41
N ARG A 87 -12.97 5.73 3.81
CA ARG A 87 -14.27 5.23 3.50
C ARG A 87 -14.32 4.81 2.02
N HYP A 88 -15.23 3.90 1.67
CA HYP A 88 -15.23 3.36 0.32
C HYP A 88 -15.45 4.31 -0.75
O HYP A 88 -14.83 4.19 -1.81
CB HYP A 88 -16.29 2.26 0.27
CG HYP A 88 -16.26 1.77 1.71
CD HYP A 88 -16.10 3.05 2.52
OD1 HYP A 88 -15.08 0.96 1.95
N HIS A 89 -16.28 5.31 -0.51
CA HIS A 89 -16.49 6.34 -1.51
C HIS A 89 -15.20 7.19 -1.67
N GLN A 90 -14.23 7.07 -0.76
CA GLN A 90 -12.99 7.85 -0.87
C GLN A 90 -11.85 7.15 -1.59
N VAL A 91 -12.13 5.98 -2.15
CA VAL A 91 -11.12 5.18 -2.87
C VAL A 91 -11.67 4.49 -4.13
N GLU A 92 -10.93 4.61 -5.23
CA GLU A 92 -11.20 3.84 -6.42
C GLU A 92 -10.10 2.72 -6.54
N VAL A 93 -10.51 1.48 -6.46
CA VAL A 93 -9.61 0.33 -6.65
C VAL A 93 -9.36 0.20 -8.12
N VAL A 94 -8.09 0.33 -8.52
CA VAL A 94 -7.76 0.41 -9.93
C VAL A 94 -7.31 -0.96 -10.44
N CSO A 95 -6.59 -1.72 -9.61
CA CSO A 95 -6.13 -3.05 -10.04
CB CSO A 95 -5.02 -2.91 -11.07
SG CSO A 95 -3.60 -2.20 -10.34
C CSO A 95 -5.61 -3.86 -8.90
O CSO A 95 -5.44 -3.37 -7.77
OD CSO A 95 -2.54 -3.51 -10.67
N CYS A 96 -5.42 -5.12 -9.22
CA CYS A 96 -4.90 -6.12 -8.33
C CYS A 96 -3.54 -6.52 -8.92
N LEU A 97 -2.46 -6.27 -8.18
CA LEU A 97 -1.12 -6.66 -8.58
C LEU A 97 -0.82 -8.10 -8.13
N VAL A 98 0.38 -8.53 -8.49
CA VAL A 98 0.87 -9.84 -8.16
C VAL A 98 0.82 -10.19 -6.72
N PRO A 99 0.17 -11.32 -6.40
CA PRO A 99 0.06 -11.77 -5.02
C PRO A 99 1.36 -12.23 -4.47
N CYS A 100 1.55 -12.10 -3.17
N CYS A 100 1.52 -12.16 -3.17
CA CYS A 100 2.77 -12.47 -2.47
CA CYS A 100 2.73 -12.47 -2.47
C CYS A 100 2.50 -13.77 -1.70
C CYS A 100 2.49 -13.77 -1.70
N LEU A 101 3.36 -14.75 -1.92
CA LEU A 101 3.27 -16.08 -1.23
C LEU A 101 4.17 -16.06 -0.06
N ILE A 102 3.66 -16.38 1.13
CA ILE A 102 4.54 -16.59 2.29
C ILE A 102 4.16 -17.83 3.10
N ASP A 103 5.14 -18.34 3.84
CA ASP A 103 4.96 -19.41 4.87
C ASP A 103 4.33 -20.70 4.38
N THR A 104 4.34 -20.93 3.06
CA THR A 104 3.78 -22.13 2.41
C THR A 104 2.29 -22.19 2.32
N ASP A 105 1.55 -21.48 3.20
CA ASP A 105 0.11 -21.59 3.28
C ASP A 105 -0.67 -20.22 3.25
N THR A 106 0.00 -19.14 2.88
CA THR A 106 -0.57 -17.79 2.96
C THR A 106 -0.35 -17.03 1.66
N LEU A 107 -1.41 -16.36 1.23
CA LEU A 107 -1.39 -15.59 0.02
C LEU A 107 -1.93 -14.18 0.32
N ILE A 108 -1.11 -13.19 0.00
CA ILE A 108 -1.39 -11.74 0.24
C ILE A 108 -1.55 -11.06 -1.09
N THR A 109 -2.76 -10.58 -1.36
CA THR A 109 -3.14 -9.96 -2.58
C THR A 109 -3.13 -8.37 -2.42
N PRO A 110 -2.32 -7.67 -3.26
CA PRO A 110 -2.23 -6.22 -3.20
C PRO A 110 -3.13 -5.54 -4.22
N PHE A 111 -3.85 -4.53 -3.75
CA PHE A 111 -4.69 -3.70 -4.60
C PHE A 111 -4.19 -2.27 -4.57
N VAL A 112 -4.13 -1.65 -5.73
CA VAL A 112 -3.72 -0.25 -5.81
C VAL A 112 -5.02 0.56 -5.83
N GLY A 113 -5.09 1.59 -4.99
CA GLY A 113 -6.28 2.44 -4.88
C GLY A 113 -5.92 3.90 -4.98
N LEU A 114 -6.69 4.65 -5.77
CA LEU A 114 -6.59 6.14 -5.86
C LEU A 114 -7.46 6.76 -4.80
N ILE A 115 -6.86 7.60 -3.97
CA ILE A 115 -7.51 8.14 -2.76
C ILE A 115 -7.99 9.57 -3.07
N ASP A 116 -9.22 9.86 -2.71
CA ASP A 116 -9.79 11.23 -2.85
C ASP A 116 -8.93 12.35 -2.22
N HIS A 117 -8.80 13.46 -2.94
CA HIS A 117 -8.05 14.63 -2.43
C HIS A 117 -8.55 15.17 -1.12
N ASN A 118 -9.82 14.99 -0.77
CA ASN A 118 -10.30 15.51 0.54
C ASN A 118 -10.15 14.54 1.70
N PHE A 119 -9.54 13.37 1.49
CA PHE A 119 -9.43 12.39 2.58
C PHE A 119 -8.42 12.89 3.55
N GLN A 120 -8.70 12.77 4.83
CA GLN A 120 -7.74 13.10 5.86
C GLN A 120 -7.72 11.92 6.82
N ALA A 121 -6.56 11.28 6.99
CA ALA A 121 -6.43 10.10 7.88
C ALA A 121 -6.81 10.37 9.30
N GLN A 122 -7.56 9.42 9.87
CA GLN A 122 -7.83 9.36 11.31
C GLN A 122 -7.24 8.08 11.87
N PRO A 123 -5.93 8.09 12.22
CA PRO A 123 -5.33 6.85 12.67
C PRO A 123 -6.10 6.25 13.85
N ASN A 124 -6.45 4.99 13.75
CA ASN A 124 -6.99 4.28 14.90
C ASN A 124 -5.82 3.80 15.81
N PRO A 125 -5.65 4.44 16.99
CA PRO A 125 -4.48 4.21 17.85
C PRO A 125 -4.25 2.78 18.40
N ALA A 126 -5.27 1.94 18.42
CA ALA A 126 -5.04 0.55 18.82
C ALA A 126 -4.30 -0.25 17.71
N GLU A 127 -4.38 0.24 16.47
CA GLU A 127 -3.73 -0.45 15.32
C GLU A 127 -2.58 0.28 14.66
N VAL A 128 -2.63 1.61 14.65
CA VAL A 128 -1.81 2.43 13.83
C VAL A 128 -1.28 3.57 14.72
N LYS A 129 0.03 3.64 14.81
CA LYS A 129 0.76 4.66 15.55
C LYS A 129 0.96 5.93 14.74
N ASP A 130 1.00 5.83 13.42
CA ASP A 130 1.31 6.96 12.58
C ASP A 130 0.92 6.61 11.13
N VAL A 131 0.68 7.65 10.35
CA VAL A 131 0.37 7.63 8.91
C VAL A 131 1.26 8.67 8.26
N PHE A 132 1.86 8.39 7.11
CA PHE A 132 2.68 9.37 6.40
C PHE A 132 2.70 9.08 4.91
N LEU A 133 3.04 10.11 4.14
CA LEU A 133 3.13 10.01 2.71
C LEU A 133 4.58 9.92 2.24
N VAL A 134 4.83 9.20 1.14
CA VAL A 134 6.14 9.25 0.48
C VAL A 134 5.91 9.52 -0.97
N PRO A 135 6.62 10.51 -1.54
CA PRO A 135 6.45 10.68 -2.95
C PRO A 135 6.86 9.41 -3.72
N LEU A 136 6.06 9.05 -4.72
CA LEU A 136 6.32 7.81 -5.44
C LEU A 136 7.73 7.81 -6.05
N ALA A 137 8.20 8.98 -6.52
CA ALA A 137 9.49 9.08 -7.16
C ALA A 137 10.65 8.78 -6.23
N TYR A 138 10.47 8.89 -4.92
CA TYR A 138 11.53 8.51 -3.98
C TYR A 138 12.04 7.07 -4.23
N PHE A 139 11.11 6.19 -4.58
CA PHE A 139 11.39 4.77 -4.71
C PHE A 139 12.26 4.42 -5.93
N LEU A 140 12.41 5.38 -6.84
CA LEU A 140 13.43 5.26 -7.88
C LEU A 140 14.86 5.63 -7.46
N HIS A 141 15.03 6.40 -6.39
CA HIS A 141 16.37 6.83 -5.92
C HIS A 141 16.32 6.89 -4.39
N PRO A 142 16.07 5.76 -3.75
CA PRO A 142 15.94 5.69 -2.31
C PRO A 142 17.28 5.79 -1.58
N GLN A 143 17.24 6.21 -0.33
CA GLN A 143 18.41 6.18 0.53
C GLN A 143 18.47 4.79 1.19
N VAL A 144 19.43 3.98 0.75
CA VAL A 144 19.51 2.55 1.07
C VAL A 144 20.50 2.32 2.21
N HIS A 145 20.12 1.44 3.12
CA HIS A 145 20.92 1.07 4.30
C HIS A 145 20.83 -0.43 4.43
N ASP A 146 21.96 -1.10 4.67
CA ASP A 146 21.98 -2.57 4.76
C ASP A 146 22.10 -3.03 6.22
N GLN A 147 21.26 -4.00 6.62
CA GLN A 147 21.10 -4.39 8.05
C GLN A 147 21.36 -5.89 8.26
N ASN A 159 20.46 -7.69 3.43
CA ASN A 159 19.17 -7.19 2.96
C ASN A 159 19.00 -5.63 3.03
N HIS A 160 18.38 -5.06 2.00
CA HIS A 160 18.30 -3.61 1.81
C HIS A 160 17.04 -2.96 2.46
N ILE A 161 17.28 -1.92 3.24
CA ILE A 161 16.27 -1.13 3.95
C ILE A 161 16.30 0.29 3.35
N PHE A 162 15.14 0.91 3.21
CA PHE A 162 15.05 2.31 2.75
C PHE A 162 14.86 3.19 3.94
N GLU A 163 15.53 4.37 3.97
CA GLU A 163 15.26 5.41 4.99
C GLU A 163 14.66 6.63 4.33
N TYR A 164 13.49 7.04 4.79
CA TYR A 164 12.84 8.20 4.23
C TYR A 164 12.66 9.19 5.36
N THR A 165 13.15 10.41 5.16
CA THR A 165 13.00 11.50 6.11
C THR A 165 11.95 12.51 5.64
N ASN A 166 10.87 12.68 6.38
CA ASN A 166 9.81 13.60 5.96
C ASN A 166 10.34 15.05 6.16
N PRO A 167 10.43 15.85 5.08
CA PRO A 167 10.93 17.23 5.22
C PRO A 167 10.01 18.17 6.02
N GLU A 168 8.76 17.78 6.24
CA GLU A 168 7.86 18.55 7.09
C GLU A 168 8.34 18.69 8.54
N ASP A 169 8.85 17.59 9.08
CA ASP A 169 9.20 17.45 10.46
C ASP A 169 10.53 16.77 10.80
N GLY A 170 11.26 16.30 9.80
CA GLY A 170 12.56 15.66 10.02
C GLY A 170 12.53 14.25 10.52
N VAL A 171 11.33 13.66 10.61
CA VAL A 171 11.24 12.28 11.09
C VAL A 171 11.68 11.27 10.04
N THR A 172 12.51 10.33 10.46
CA THR A 172 13.00 9.26 9.59
C THR A 172 12.21 7.96 9.82
N TYR A 173 11.77 7.35 8.73
CA TYR A 173 11.07 6.07 8.77
C TYR A 173 11.90 5.06 7.98
N GLN A 174 11.85 3.81 8.43
CA GLN A 174 12.48 2.67 7.76
C GLN A 174 11.39 1.88 7.05
N ILE A 175 11.63 1.59 5.77
CA ILE A 175 10.69 0.84 4.94
C ILE A 175 11.44 -0.38 4.39
N LYS A 176 10.89 -1.56 4.62
CA LYS A 176 11.61 -2.74 4.28
C LYS A 176 10.72 -3.87 3.86
N GLY A 177 11.36 -4.97 3.41
CA GLY A 177 10.62 -6.19 3.10
C GLY A 177 9.63 -6.04 1.97
N MET A 178 8.50 -6.74 2.06
CA MET A 178 7.55 -6.67 0.98
C MET A 178 6.94 -5.29 0.81
N THR A 179 6.89 -4.53 1.87
CA THR A 179 6.40 -3.14 1.83
C THR A 179 7.25 -2.34 0.89
N ALA A 180 8.56 -2.37 1.10
CA ALA A 180 9.52 -1.73 0.19
C ALA A 180 9.45 -2.27 -1.22
N ASN A 181 9.33 -3.60 -1.34
CA ASN A 181 9.22 -4.20 -2.68
C ASN A 181 8.03 -3.77 -3.46
N LEU A 182 6.86 -3.76 -2.84
CA LEU A 182 5.66 -3.31 -3.52
C LEU A 182 5.72 -1.82 -3.93
N ALA A 183 6.33 -1.02 -3.07
CA ALA A 183 6.44 0.43 -3.32
C ALA A 183 7.25 0.67 -4.58
N VAL A 184 8.36 -0.07 -4.71
CA VAL A 184 9.22 0.03 -5.93
C VAL A 184 8.46 -0.40 -7.15
N LEU A 185 7.76 -1.53 -7.05
CA LEU A 185 6.95 -1.99 -8.14
C LEU A 185 5.96 -0.94 -8.67
N VAL A 186 5.17 -0.38 -7.75
CA VAL A 186 4.21 0.65 -8.12
C VAL A 186 4.94 1.87 -8.79
N ALA A 187 6.08 2.31 -8.21
CA ALA A 187 6.87 3.45 -8.80
C ALA A 187 7.32 3.13 -10.23
N PHE A 188 7.81 1.89 -10.44
CA PHE A 188 8.24 1.50 -11.79
C PHE A 188 7.05 1.55 -12.77
N ILE A 189 5.92 0.96 -12.38
CA ILE A 189 4.78 0.87 -13.25
C ILE A 189 4.32 2.24 -13.75
N ILE A 190 4.24 3.17 -12.82
CA ILE A 190 3.58 4.48 -13.09
C ILE A 190 4.60 5.48 -13.65
N LEU A 191 5.85 5.46 -13.15
CA LEU A 191 6.83 6.51 -13.52
C LEU A 191 7.86 6.15 -14.64
N GLU A 192 8.00 4.87 -15.00
CA GLU A 192 8.99 4.53 -16.04
C GLU A 192 8.66 5.16 -17.34
N LYS A 193 9.70 5.59 -18.05
CA LYS A 193 9.53 6.07 -19.42
C LYS A 193 8.48 7.16 -19.59
N LYS A 194 8.71 8.27 -18.90
CA LYS A 194 7.82 9.42 -18.98
C LYS A 194 8.60 10.66 -19.42
N PRO A 195 8.12 11.34 -20.49
CA PRO A 195 8.62 12.68 -20.84
C PRO A 195 8.49 13.64 -19.65
N THR A 196 9.40 14.61 -19.55
CA THR A 196 9.32 15.67 -18.54
C THR A 196 8.77 16.97 -19.17
C ACT B . 9.94 2.79 11.63
O ACT B . 8.75 3.18 11.74
OXT ACT B . 10.69 3.37 10.83
CH3 ACT B . 10.50 1.62 12.43
C ACT C . -15.11 4.88 -6.31
O ACT C . -15.04 3.72 -5.86
OXT ACT C . -14.99 5.88 -5.56
CH3 ACT C . -15.33 5.04 -7.80
S DMS D . -12.29 11.20 6.51
O DMS D . -11.69 12.07 5.38
C1 DMS D . -13.29 9.89 6.04
C2 DMS D . -11.23 10.22 7.47
S DMS E . -11.01 13.24 -6.77
O DMS E . -9.79 13.33 -5.90
C1 DMS E . -11.36 14.67 -7.63
C2 DMS E . -10.75 12.21 -8.13
N1 H17 F . -1.51 -3.91 7.67
C4 H17 F . 2.89 -7.87 1.83
C5 H17 F . 3.36 -8.50 3.12
C6 H17 F . 3.03 -7.57 4.30
C7 H17 F . 1.63 -7.74 5.04
C8 H17 F . 1.14 -8.98 5.45
C10 H17 F . -0.99 -8.01 6.12
C13 H17 F . -1.58 -5.26 7.40
C15 H17 F . -1.13 -1.93 9.09
C17 H17 F . -2.10 -1.89 11.30
C20 H17 F . 0.79 -6.63 5.23
O1 H17 F . 3.11 -3.94 3.96
C2 H17 F . 3.38 -5.12 4.41
C1 H17 F . 3.93 -5.34 5.80
C H17 F . 3.71 -6.46 6.50
N H17 F . 3.07 -6.27 3.62
C3 H17 F . 2.60 -6.39 2.23
C11 H17 F . -0.51 -6.79 5.78
C9 H17 F . -0.14 -9.10 5.96
C12 H17 F . -1.39 -5.60 5.99
O H17 F . -1.80 -6.13 8.22
C14 H17 F . -1.65 -3.23 8.90
C19 H17 F . -2.41 -3.81 9.94
C18 H17 F . -2.62 -3.10 11.10
CL H17 F . -3.60 -3.77 12.41
C16 H17 F . -1.34 -1.29 10.28
#